data_5W5P
#
_entry.id   5W5P
#
_cell.length_a   100.657
_cell.length_b   100.657
_cell.length_c   307.836
_cell.angle_alpha   90.00
_cell.angle_beta   90.00
_cell.angle_gamma   120.00
#
_symmetry.space_group_name_H-M   'P 63 2 2'
#
loop_
_entity.id
_entity.type
_entity.pdbx_description
1 polymer 'Tail fiber protein'
2 non-polymer 'ZINC ION'
3 water water
#
_entity_poly.entity_id   1
_entity_poly.type   'polypeptide(L)'
_entity_poly.pdbx_seq_one_letter_code
;GSGSNPNVD(MSE)TGWEVKLPADLIKDSSGKSQQEVNNSLKLKTFDDLRNFKPIVNGQTVYVGQRSNTYLQGGGLFYAD
TSDTTSLDNDGTILVGIDGTRWKRKWNTHADPCWFGADYTGTEDCSAQVQKAVDVSYGRVWFGNADRSFK(MSE)(MSE)
TPVGLPTNSIVGD(MSE)L(MSE)EICGDGARVWVYSNTGIFTSKRSIGLETSTDDLYTAALEIGRGLRFQGDGVSQSVV
VNGDRLYNVN(MSE)KGGRYLRISALVRATQPRRNETTGYVQSVTIEENHLALCNRIIDSKRGFNVTVSRNFCESCYGGV
YLDGDGSPAVNVIRCDGNLWESSGVFAKLGAVYAGTFIGNYFEGNNTGDLPTLKCLIELGKTGTTGYSSGVTFIGNQFGA
AAAYKADVNYADVKFTASLSGTNLDVLAPPTFVGNWTNAYR(MSE)WSEGQVVTQFGNAFSGGNARRHQAPKLHTEARVT
FDLSRKEFLSSTNLVGGVHTVAEIDTNLISNLASQSSRACTAD(MSE)NIF(MSE)Q(MSE)KTASNVVLGAAVAKVSLV
VQGSEGIGTGATTDVYVAASLTGFTQLEGGVIDTVNNVSLFKHFTSPVLTIERVGTKYLLKLSGYVAASGSLYGATAKVF
SSTT(MSE)TIYSLNSGASVAGQIYPT
;
_entity_poly.pdbx_strand_id   A
#
# COMPACT_ATOMS: atom_id res chain seq x y z
N GLU A 14 -37.79 20.49 -67.50
CA GLU A 14 -37.83 20.97 -68.88
C GLU A 14 -36.89 22.16 -69.07
N VAL A 15 -37.01 23.15 -68.19
CA VAL A 15 -36.12 24.32 -68.19
C VAL A 15 -34.95 23.96 -67.29
N LYS A 16 -33.90 23.38 -67.88
CA LYS A 16 -32.78 22.85 -67.12
C LYS A 16 -31.47 23.43 -67.64
N LEU A 17 -30.77 24.16 -66.78
CA LEU A 17 -29.42 24.62 -67.06
C LEU A 17 -28.46 23.82 -66.19
N PRO A 18 -27.52 23.07 -66.76
CA PRO A 18 -26.58 22.29 -65.92
C PRO A 18 -25.71 23.21 -65.09
N ALA A 19 -25.41 22.78 -63.86
CA ALA A 19 -24.58 23.58 -62.96
C ALA A 19 -23.18 23.79 -63.50
N ASP A 20 -22.69 22.91 -64.37
CA ASP A 20 -21.38 23.08 -64.97
C ASP A 20 -21.29 24.31 -65.87
N LEU A 21 -22.41 24.93 -66.20
CA LEU A 21 -22.42 26.13 -67.02
C LEU A 21 -22.44 27.40 -66.19
N ILE A 22 -22.41 27.29 -64.87
CA ILE A 22 -22.34 28.43 -63.97
C ILE A 22 -20.91 28.50 -63.41
N LYS A 23 -20.35 29.70 -63.39
CA LYS A 23 -18.96 29.92 -62.97
C LYS A 23 -18.94 30.68 -61.64
N ASP A 24 -18.21 30.14 -60.68
CA ASP A 24 -18.01 30.77 -59.37
C ASP A 24 -16.82 31.71 -59.46
N SER A 25 -16.83 32.74 -58.60
CA SER A 25 -15.79 33.77 -58.65
C SER A 25 -14.38 33.19 -58.52
N SER A 26 -14.23 32.01 -57.94
CA SER A 26 -12.93 31.35 -57.84
C SER A 26 -12.40 30.88 -59.18
N GLY A 27 -13.23 30.85 -60.22
CA GLY A 27 -12.86 30.31 -61.50
C GLY A 27 -13.36 28.90 -61.75
N LYS A 28 -13.79 28.19 -60.71
CA LYS A 28 -14.32 26.85 -60.87
C LYS A 28 -15.83 26.90 -61.10
N SER A 29 -16.34 25.84 -61.73
CA SER A 29 -17.76 25.80 -62.08
C SER A 29 -18.61 25.58 -60.83
N GLN A 30 -19.90 25.91 -60.96
CA GLN A 30 -20.83 25.66 -59.86
C GLN A 30 -20.92 24.17 -59.55
N GLN A 31 -20.81 23.32 -60.57
CA GLN A 31 -20.82 21.88 -60.31
C GLN A 31 -19.66 21.48 -59.40
N GLU A 32 -18.47 22.06 -59.62
CA GLU A 32 -17.34 21.76 -58.75
C GLU A 32 -17.55 22.31 -57.34
N VAL A 33 -18.19 23.47 -57.22
CA VAL A 33 -18.57 23.99 -55.91
C VAL A 33 -19.55 23.05 -55.23
N ASN A 34 -20.57 22.59 -55.98
CA ASN A 34 -21.54 21.66 -55.40
C ASN A 34 -20.87 20.36 -54.95
N ASN A 35 -19.85 19.92 -55.68
CA ASN A 35 -19.24 18.63 -55.38
C ASN A 35 -18.58 18.58 -54.01
N SER A 36 -18.21 19.75 -53.44
CA SER A 36 -17.57 19.75 -52.13
C SER A 36 -18.52 19.34 -51.00
N LEU A 37 -19.82 19.24 -51.27
CA LEU A 37 -20.80 18.73 -50.33
C LEU A 37 -21.15 17.27 -50.57
N LYS A 38 -20.49 16.62 -51.53
CA LYS A 38 -20.78 15.25 -51.90
C LYS A 38 -19.60 14.31 -51.62
N LEU A 39 -18.67 14.71 -50.76
CA LEU A 39 -17.47 13.94 -50.47
C LEU A 39 -17.79 12.92 -49.38
N LYS A 40 -18.20 11.74 -49.80
CA LYS A 40 -18.62 10.70 -48.86
C LYS A 40 -17.44 9.89 -48.32
N THR A 41 -16.52 9.49 -49.19
CA THR A 41 -15.43 8.60 -48.84
C THR A 41 -14.08 9.27 -49.06
N PHE A 42 -13.02 8.60 -48.60
CA PHE A 42 -11.66 9.09 -48.80
C PHE A 42 -11.32 9.19 -50.28
N ASP A 43 -11.83 8.26 -51.09
CA ASP A 43 -11.57 8.31 -52.53
C ASP A 43 -12.19 9.54 -53.17
N ASP A 44 -13.35 9.97 -52.68
CA ASP A 44 -13.96 11.19 -53.21
C ASP A 44 -13.10 12.42 -52.93
N LEU A 45 -12.43 12.46 -51.77
CA LEU A 45 -11.56 13.59 -51.49
C LEU A 45 -10.33 13.58 -52.38
N ARG A 46 -9.68 12.42 -52.52
CA ARG A 46 -8.49 12.34 -53.36
C ARG A 46 -8.79 12.68 -54.81
N ASN A 47 -10.03 12.49 -55.25
CA ASN A 47 -10.43 12.85 -56.60
C ASN A 47 -10.97 14.28 -56.69
N PHE A 48 -11.12 14.96 -55.56
CA PHE A 48 -11.66 16.31 -55.52
C PHE A 48 -10.53 17.33 -55.59
N LYS A 49 -10.78 18.41 -56.34
CA LYS A 49 -9.83 19.51 -56.42
C LYS A 49 -10.38 20.72 -55.68
N PRO A 50 -9.60 21.36 -54.81
CA PRO A 50 -10.13 22.47 -54.03
C PRO A 50 -10.47 23.66 -54.90
N ILE A 51 -11.51 24.39 -54.50
CA ILE A 51 -11.92 25.57 -55.25
C ILE A 51 -11.15 26.82 -54.83
N VAL A 52 -10.76 26.93 -53.57
CA VAL A 52 -9.94 28.03 -53.07
C VAL A 52 -8.78 27.44 -52.28
N ASN A 53 -7.81 28.30 -51.98
CA ASN A 53 -6.67 27.90 -51.17
C ASN A 53 -7.06 27.88 -49.70
N GLY A 54 -6.73 26.79 -49.01
CA GLY A 54 -7.12 26.64 -47.62
C GLY A 54 -8.57 26.28 -47.40
N GLN A 55 -9.23 25.71 -48.40
CA GLN A 55 -10.63 25.32 -48.25
C GLN A 55 -10.73 24.15 -47.28
N THR A 56 -11.76 24.19 -46.44
CA THR A 56 -12.08 23.08 -45.55
C THR A 56 -13.34 22.39 -46.06
N VAL A 57 -13.25 21.09 -46.30
CA VAL A 57 -14.37 20.27 -46.71
C VAL A 57 -14.54 19.14 -45.70
N TYR A 58 -15.73 18.55 -45.70
CA TYR A 58 -16.04 17.44 -44.81
C TYR A 58 -16.10 16.15 -45.60
N VAL A 59 -15.34 15.15 -45.16
CA VAL A 59 -15.40 13.80 -45.73
C VAL A 59 -16.22 12.94 -44.79
N GLY A 60 -17.22 12.24 -45.35
CA GLY A 60 -18.19 11.55 -44.52
C GLY A 60 -17.63 10.34 -43.80
N GLN A 61 -16.83 9.54 -44.49
CA GLN A 61 -16.31 8.29 -43.95
C GLN A 61 -15.11 7.87 -44.81
N ARG A 62 -14.55 6.69 -44.50
CA ARG A 62 -13.34 6.25 -45.19
C ARG A 62 -13.66 5.62 -46.52
N SER A 63 -14.59 4.65 -46.53
CA SER A 63 -15.08 4.04 -47.74
C SER A 63 -16.58 3.79 -47.60
N ASN A 64 -17.19 3.25 -48.65
CA ASN A 64 -18.61 2.93 -48.61
C ASN A 64 -18.92 1.82 -47.62
N THR A 65 -17.93 0.98 -47.29
CA THR A 65 -18.11 -0.07 -46.29
C THR A 65 -17.61 0.33 -44.91
N TYR A 66 -16.68 1.27 -44.81
CA TYR A 66 -16.11 1.71 -43.53
C TYR A 66 -16.75 3.04 -43.14
N LEU A 67 -17.65 3.00 -42.17
CA LEU A 67 -18.46 4.15 -41.82
C LEU A 67 -17.80 5.12 -40.85
N GLN A 68 -16.59 4.83 -40.38
CA GLN A 68 -15.88 5.73 -39.48
C GLN A 68 -14.75 6.44 -40.25
N GLY A 69 -14.00 7.27 -39.53
CA GLY A 69 -12.86 7.96 -40.09
C GLY A 69 -13.15 9.30 -40.74
N GLY A 70 -14.41 9.73 -40.77
CA GLY A 70 -14.74 11.01 -41.34
C GLY A 70 -14.22 12.18 -40.53
N GLY A 71 -14.33 13.37 -41.10
CA GLY A 71 -13.91 14.57 -40.43
C GLY A 71 -13.66 15.69 -41.43
N LEU A 72 -13.15 16.79 -40.91
CA LEU A 72 -12.83 17.97 -41.72
C LEU A 72 -11.40 17.90 -42.22
N PHE A 73 -11.21 18.31 -43.47
CA PHE A 73 -9.90 18.34 -44.11
C PHE A 73 -9.73 19.69 -44.80
N TYR A 74 -8.57 20.32 -44.63
CA TYR A 74 -8.27 21.59 -45.27
C TYR A 74 -7.13 21.41 -46.26
N ALA A 75 -7.22 22.10 -47.40
CA ALA A 75 -6.22 22.02 -48.45
C ALA A 75 -5.04 22.90 -48.07
N ASP A 76 -3.95 22.27 -47.62
CA ASP A 76 -2.74 22.99 -47.25
C ASP A 76 -1.97 23.32 -48.52
N THR A 77 -2.20 24.53 -49.04
CA THR A 77 -1.60 24.95 -50.31
C THR A 77 -0.08 25.10 -50.20
N SER A 78 0.44 25.32 -48.99
CA SER A 78 1.88 25.47 -48.80
C SER A 78 2.62 24.14 -48.83
N ASP A 79 1.92 23.01 -48.66
CA ASP A 79 2.54 21.70 -48.61
C ASP A 79 2.40 21.01 -49.96
N THR A 80 3.54 20.71 -50.58
CA THR A 80 3.59 19.99 -51.85
C THR A 80 4.45 18.73 -51.77
N THR A 81 4.84 18.32 -50.56
CA THR A 81 5.77 17.21 -50.41
C THR A 81 5.33 16.14 -49.42
N SER A 82 4.42 16.44 -48.50
CA SER A 82 4.02 15.47 -47.49
C SER A 82 3.40 14.23 -48.13
N LEU A 83 3.70 13.07 -47.57
CA LEU A 83 3.20 11.81 -48.10
C LEU A 83 1.84 11.47 -47.51
N ASP A 84 1.06 10.72 -48.29
CA ASP A 84 -0.23 10.24 -47.83
C ASP A 84 -0.04 9.19 -46.73
N ASN A 85 -0.72 9.39 -45.60
CA ASN A 85 -0.67 8.41 -44.51
C ASN A 85 -1.99 7.69 -44.29
N ASP A 86 -3.00 7.95 -45.14
CA ASP A 86 -4.28 7.25 -45.08
C ASP A 86 -5.01 7.49 -43.76
N GLY A 87 -4.85 8.68 -43.19
CA GLY A 87 -5.54 8.99 -41.96
C GLY A 87 -5.66 10.47 -41.63
N THR A 88 -4.53 11.19 -41.66
CA THR A 88 -4.53 12.62 -41.36
C THR A 88 -3.94 13.46 -42.48
N ILE A 89 -3.15 12.88 -43.36
CA ILE A 89 -2.65 13.56 -44.56
C ILE A 89 -3.08 12.72 -45.74
N LEU A 90 -4.03 13.22 -46.52
CA LEU A 90 -4.51 12.55 -47.73
C LEU A 90 -4.12 13.40 -48.93
N VAL A 91 -3.40 12.80 -49.87
CA VAL A 91 -2.91 13.50 -51.05
C VAL A 91 -3.82 13.19 -52.22
N GLY A 92 -4.34 14.24 -52.86
CA GLY A 92 -5.22 14.07 -54.00
C GLY A 92 -4.47 13.84 -55.29
N ILE A 93 -5.22 13.42 -56.32
CA ILE A 93 -4.63 13.16 -57.63
C ILE A 93 -4.01 14.42 -58.21
N ASP A 94 -4.60 15.59 -57.91
CA ASP A 94 -4.03 16.86 -58.32
C ASP A 94 -2.79 17.25 -57.50
N GLY A 95 -2.42 16.47 -56.49
CA GLY A 95 -1.29 16.79 -55.64
C GLY A 95 -1.63 17.57 -54.38
N THR A 96 -2.89 17.94 -54.20
CA THR A 96 -3.30 18.71 -53.03
C THR A 96 -3.11 17.87 -51.76
N ARG A 97 -2.41 18.43 -50.78
CA ARG A 97 -2.24 17.79 -49.48
C ARG A 97 -3.41 18.21 -48.59
N TRP A 98 -4.36 17.29 -48.39
CA TRP A 98 -5.46 17.48 -47.46
C TRP A 98 -5.03 17.01 -46.08
N LYS A 99 -5.22 17.87 -45.08
CA LYS A 99 -4.85 17.57 -43.71
C LYS A 99 -6.07 17.65 -42.80
N ARG A 100 -6.25 16.63 -41.97
CA ARG A 100 -7.38 16.58 -41.06
C ARG A 100 -7.24 17.66 -40.00
N LYS A 101 -8.36 18.31 -39.70
CA LYS A 101 -8.44 19.29 -38.63
C LYS A 101 -8.72 18.52 -37.34
N TRP A 102 -7.76 18.52 -36.42
CA TRP A 102 -7.94 17.86 -35.13
C TRP A 102 -6.97 18.48 -34.12
N ASN A 103 -7.48 18.77 -32.93
CA ASN A 103 -6.65 19.30 -31.84
C ASN A 103 -6.79 18.45 -30.58
N THR A 104 -7.40 17.28 -30.69
CA THR A 104 -7.56 16.39 -29.55
C THR A 104 -6.71 15.14 -29.72
N HIS A 105 -7.22 14.02 -29.24
CA HIS A 105 -6.57 12.74 -29.30
C HIS A 105 -6.84 12.05 -30.64
N ALA A 106 -5.85 11.31 -31.13
CA ALA A 106 -5.99 10.58 -32.38
C ALA A 106 -6.90 9.36 -32.23
N ASP A 107 -7.70 9.12 -33.27
CA ASP A 107 -8.64 8.00 -33.35
C ASP A 107 -8.07 6.97 -34.30
N PRO A 108 -7.81 5.72 -33.88
CA PRO A 108 -7.31 4.73 -34.86
C PRO A 108 -8.24 4.52 -36.02
N CYS A 109 -9.52 4.89 -35.88
CA CYS A 109 -10.46 4.72 -36.98
C CYS A 109 -10.15 5.64 -38.16
N TRP A 110 -9.45 6.75 -37.91
CA TRP A 110 -9.01 7.61 -38.99
C TRP A 110 -8.18 6.83 -40.01
N PHE A 111 -7.39 5.86 -39.54
CA PHE A 111 -6.48 5.10 -40.38
C PHE A 111 -7.05 3.75 -40.79
N GLY A 112 -8.28 3.43 -40.40
CA GLY A 112 -8.93 2.21 -40.83
C GLY A 112 -8.96 1.08 -39.83
N ALA A 113 -8.80 1.36 -38.53
CA ALA A 113 -8.88 0.31 -37.54
C ALA A 113 -10.26 -0.33 -37.55
N ASP A 114 -10.29 -1.66 -37.69
CA ASP A 114 -11.55 -2.39 -37.79
C ASP A 114 -12.33 -2.29 -36.47
N TYR A 115 -13.42 -1.52 -36.48
CA TYR A 115 -14.25 -1.32 -35.30
C TYR A 115 -15.22 -2.48 -35.05
N THR A 116 -15.09 -3.58 -35.79
CA THR A 116 -15.89 -4.78 -35.55
C THR A 116 -15.11 -5.90 -34.89
N GLY A 117 -13.79 -5.77 -34.74
CA GLY A 117 -13.01 -6.74 -34.01
C GLY A 117 -12.65 -8.00 -34.77
N THR A 118 -12.79 -7.98 -36.10
CA THR A 118 -12.54 -9.14 -36.94
C THR A 118 -11.08 -9.28 -37.35
N GLU A 119 -10.42 -8.16 -37.63
CA GLU A 119 -9.04 -8.15 -38.09
C GLU A 119 -8.16 -7.36 -37.13
N ASP A 120 -6.89 -7.73 -37.09
CA ASP A 120 -5.91 -7.04 -36.26
C ASP A 120 -5.77 -5.58 -36.72
N CYS A 121 -6.00 -4.65 -35.78
CA CYS A 121 -5.92 -3.23 -36.06
C CYS A 121 -4.68 -2.58 -35.48
N SER A 122 -3.72 -3.39 -35.02
CA SER A 122 -2.55 -2.86 -34.32
C SER A 122 -1.76 -1.89 -35.20
N ALA A 123 -1.68 -2.16 -36.51
CA ALA A 123 -0.95 -1.28 -37.41
C ALA A 123 -1.61 0.08 -37.49
N GLN A 124 -2.95 0.12 -37.46
CA GLN A 124 -3.67 1.39 -37.48
C GLN A 124 -3.57 2.10 -36.13
N VAL A 125 -3.61 1.34 -35.03
CA VAL A 125 -3.37 1.93 -33.72
C VAL A 125 -1.97 2.52 -33.67
N GLN A 126 -0.99 1.83 -34.25
CA GLN A 126 0.37 2.35 -34.29
C GLN A 126 0.43 3.68 -35.05
N LYS A 127 -0.33 3.80 -36.13
CA LYS A 127 -0.34 5.05 -36.89
C LYS A 127 -0.90 6.20 -36.05
N ALA A 128 -1.95 5.93 -35.28
CA ALA A 128 -2.49 6.96 -34.40
C ALA A 128 -1.50 7.34 -33.29
N VAL A 129 -0.70 6.39 -32.81
CA VAL A 129 0.32 6.69 -31.81
C VAL A 129 1.35 7.66 -32.39
N ASP A 130 1.78 7.41 -33.63
CA ASP A 130 2.90 8.15 -34.19
C ASP A 130 2.55 9.63 -34.42
N VAL A 131 1.30 9.92 -34.82
CA VAL A 131 0.93 11.30 -35.09
C VAL A 131 0.42 12.04 -33.86
N SER A 132 0.19 11.35 -32.75
CA SER A 132 -0.36 11.97 -31.55
C SER A 132 0.62 12.08 -30.41
N TYR A 133 1.89 11.69 -30.63
CA TYR A 133 2.90 11.62 -29.57
C TYR A 133 2.43 10.70 -28.44
N GLY A 134 1.78 9.60 -28.82
CA GLY A 134 1.33 8.64 -27.85
C GLY A 134 0.08 9.02 -27.09
N ARG A 135 -0.94 9.52 -27.78
CA ARG A 135 -2.21 9.89 -27.13
C ARG A 135 -3.34 9.39 -28.01
N VAL A 136 -3.80 8.17 -27.72
CA VAL A 136 -4.73 7.45 -28.57
C VAL A 136 -6.06 7.29 -27.84
N TRP A 137 -7.16 7.39 -28.59
CA TRP A 137 -8.52 7.36 -28.05
C TRP A 137 -9.36 6.47 -28.96
N PHE A 138 -10.07 5.50 -28.38
CA PHE A 138 -10.67 4.43 -29.14
C PHE A 138 -12.17 4.60 -29.36
N GLY A 139 -12.79 5.62 -28.80
CA GLY A 139 -14.19 5.90 -29.10
C GLY A 139 -15.17 5.25 -28.14
N ASN A 140 -16.42 5.16 -28.59
CA ASN A 140 -17.53 4.78 -27.72
C ASN A 140 -17.78 3.28 -27.76
N ALA A 141 -18.77 2.84 -26.95
CA ALA A 141 -19.03 1.42 -26.75
C ALA A 141 -19.51 0.71 -28.00
N ASP A 142 -19.92 1.44 -29.04
CA ASP A 142 -20.31 0.79 -30.27
C ASP A 142 -19.14 0.19 -31.03
N ARG A 143 -17.91 0.49 -30.63
CA ARG A 143 -16.72 -0.04 -31.29
C ARG A 143 -16.11 -1.17 -30.46
N SER A 144 -15.60 -2.18 -31.16
CA SER A 144 -14.86 -3.29 -30.56
C SER A 144 -13.66 -3.56 -31.45
N PHE A 145 -12.46 -3.32 -30.95
CA PHE A 145 -11.24 -3.50 -31.72
C PHE A 145 -10.54 -4.80 -31.33
N LYS A 146 -9.67 -5.27 -32.21
CA LYS A 146 -8.85 -6.45 -31.94
C LYS A 146 -7.40 -6.11 -32.22
N THR A 149 -0.84 -7.51 -32.29
CA THR A 149 0.56 -7.16 -32.53
C THR A 149 0.93 -6.05 -31.56
N PRO A 150 2.06 -6.16 -30.86
CA PRO A 150 2.44 -5.10 -29.91
C PRO A 150 2.56 -3.76 -30.61
N VAL A 151 1.99 -2.73 -29.98
CA VAL A 151 2.11 -1.35 -30.44
C VAL A 151 3.10 -0.64 -29.54
N GLY A 152 4.07 0.02 -30.14
CA GLY A 152 5.14 0.66 -29.40
C GLY A 152 4.88 2.15 -29.23
N LEU A 153 5.01 2.62 -27.97
CA LEU A 153 4.91 4.02 -27.56
C LEU A 153 6.26 4.72 -27.74
N PRO A 154 6.23 6.01 -28.09
CA PRO A 154 7.49 6.74 -28.33
C PRO A 154 8.36 6.81 -27.09
N THR A 155 9.64 7.04 -27.31
CA THR A 155 10.63 6.99 -26.24
C THR A 155 10.58 8.25 -25.38
N ASN A 156 10.38 8.07 -24.08
CA ASN A 156 10.34 9.16 -23.13
C ASN A 156 10.93 8.65 -21.83
N SER A 157 12.06 9.22 -21.43
CA SER A 157 12.75 8.78 -20.24
C SER A 157 11.96 9.14 -18.99
N ILE A 158 12.46 8.71 -17.83
CA ILE A 158 11.81 9.03 -16.57
C ILE A 158 11.79 10.54 -16.32
N VAL A 159 12.71 11.29 -16.92
CA VAL A 159 12.73 12.74 -16.80
C VAL A 159 12.33 13.41 -18.12
N GLY A 160 11.64 12.67 -19.01
CA GLY A 160 11.29 13.21 -20.31
C GLY A 160 10.12 14.18 -20.28
N ASP A 161 9.90 14.85 -21.41
CA ASP A 161 8.96 15.96 -21.51
C ASP A 161 7.58 15.55 -22.01
N LEU A 163 3.78 13.23 -21.93
CA LEU A 163 2.75 12.57 -21.12
C LEU A 163 1.86 11.81 -22.08
N GLU A 165 -1.10 8.82 -23.18
CA GLU A 165 -2.36 8.28 -22.70
C GLU A 165 -2.95 7.31 -23.72
N ILE A 166 -3.55 6.24 -23.21
CA ILE A 166 -4.33 5.30 -24.00
C ILE A 166 -5.69 5.21 -23.33
N CYS A 167 -6.71 5.79 -23.94
CA CYS A 167 -7.98 5.98 -23.28
C CYS A 167 -9.10 5.77 -24.30
N GLY A 168 -10.33 6.01 -23.86
CA GLY A 168 -11.46 5.81 -24.75
C GLY A 168 -12.72 6.36 -24.12
N ASP A 169 -13.82 6.15 -24.82
CA ASP A 169 -15.15 6.58 -24.38
C ASP A 169 -16.11 5.40 -24.29
N GLY A 170 -15.60 4.25 -23.85
CA GLY A 170 -16.39 3.05 -23.70
C GLY A 170 -16.06 1.93 -24.66
N ALA A 171 -15.17 2.17 -25.63
CA ALA A 171 -14.87 1.17 -26.62
C ALA A 171 -14.27 -0.09 -25.98
N ARG A 172 -14.31 -1.19 -26.72
CA ARG A 172 -13.74 -2.45 -26.30
C ARG A 172 -12.54 -2.78 -27.16
N VAL A 173 -11.50 -3.34 -26.54
CA VAL A 173 -10.30 -3.79 -27.23
C VAL A 173 -10.11 -5.26 -26.89
N TRP A 174 -10.26 -6.13 -27.90
CA TRP A 174 -9.89 -7.53 -27.74
C TRP A 174 -8.37 -7.66 -27.81
N VAL A 175 -7.79 -8.34 -26.82
CA VAL A 175 -6.35 -8.39 -26.66
C VAL A 175 -5.86 -9.80 -26.99
N TYR A 176 -4.84 -9.88 -27.84
CA TYR A 176 -4.21 -11.15 -28.22
C TYR A 176 -2.70 -10.92 -28.22
N SER A 177 -2.06 -11.22 -27.09
CA SER A 177 -0.62 -11.03 -26.98
C SER A 177 -0.10 -11.79 -25.77
N ASN A 178 1.00 -12.50 -25.96
CA ASN A 178 1.70 -13.20 -24.88
C ASN A 178 2.64 -12.28 -24.12
N THR A 179 2.94 -11.09 -24.63
CA THR A 179 3.91 -10.20 -24.03
C THR A 179 3.36 -8.83 -23.67
N GLY A 180 2.32 -8.36 -24.35
CA GLY A 180 1.76 -7.04 -24.11
C GLY A 180 1.48 -6.27 -25.39
N ILE A 181 0.20 -5.95 -25.64
CA ILE A 181 -0.14 -5.24 -26.86
C ILE A 181 0.42 -3.82 -26.87
N PHE A 182 0.78 -3.29 -25.71
CA PHE A 182 1.41 -1.98 -25.60
C PHE A 182 2.79 -2.15 -24.99
N THR A 183 3.79 -1.59 -25.65
CA THR A 183 5.17 -1.68 -25.20
C THR A 183 5.89 -0.41 -25.64
N SER A 184 7.21 -0.39 -25.49
CA SER A 184 8.00 0.72 -25.98
C SER A 184 8.33 0.50 -27.45
N LYS A 185 8.25 1.58 -28.24
CA LYS A 185 8.55 1.48 -29.66
C LYS A 185 10.00 1.07 -29.88
N ARG A 186 10.92 1.56 -29.05
CA ARG A 186 12.34 1.31 -29.31
C ARG A 186 12.76 -0.12 -28.96
N SER A 187 11.88 -0.89 -28.33
CA SER A 187 12.13 -2.31 -28.10
C SER A 187 11.64 -3.19 -29.25
N ILE A 188 10.84 -2.65 -30.17
CA ILE A 188 10.34 -3.46 -31.28
C ILE A 188 11.50 -3.80 -32.21
N GLY A 189 11.67 -5.09 -32.49
CA GLY A 189 12.81 -5.59 -33.20
C GLY A 189 13.96 -6.02 -32.31
N LEU A 190 13.95 -5.61 -31.04
CA LEU A 190 14.95 -6.01 -30.06
C LEU A 190 14.26 -6.42 -28.76
N GLU A 191 13.22 -7.24 -28.89
CA GLU A 191 12.34 -7.52 -27.76
C GLU A 191 13.07 -8.27 -26.64
N THR A 192 14.08 -9.06 -26.99
CA THR A 192 14.83 -9.85 -26.01
C THR A 192 16.10 -9.15 -25.55
N SER A 193 16.19 -7.84 -25.71
CA SER A 193 17.43 -7.13 -25.38
C SER A 193 17.61 -7.03 -23.88
N THR A 194 18.86 -7.15 -23.43
CA THR A 194 19.16 -6.92 -22.03
C THR A 194 19.29 -5.45 -21.68
N ASP A 195 19.14 -4.56 -22.66
CA ASP A 195 19.22 -3.13 -22.39
C ASP A 195 17.87 -2.61 -21.92
N ASP A 196 17.91 -1.47 -21.22
CA ASP A 196 16.71 -0.87 -20.65
C ASP A 196 16.00 -0.01 -21.70
N LEU A 197 15.42 -0.70 -22.68
CA LEU A 197 14.75 -0.04 -23.81
C LEU A 197 13.31 0.29 -23.42
N TYR A 198 13.19 1.16 -22.43
CA TYR A 198 11.91 1.50 -21.83
C TYR A 198 11.39 2.83 -22.35
N THR A 199 10.15 3.14 -21.96
CA THR A 199 9.62 4.48 -22.08
C THR A 199 8.66 4.68 -20.92
N ALA A 200 8.53 5.93 -20.46
CA ALA A 200 7.88 6.21 -19.18
C ALA A 200 6.81 7.29 -19.33
N ALA A 201 5.96 7.38 -18.29
CA ALA A 201 4.86 8.32 -18.14
C ALA A 201 3.68 7.95 -19.05
N LEU A 202 2.81 7.07 -18.57
CA LEU A 202 1.70 6.56 -19.36
C LEU A 202 0.45 6.46 -18.49
N GLU A 203 -0.65 7.05 -18.96
CA GLU A 203 -1.97 6.83 -18.40
C GLU A 203 -2.76 5.93 -19.34
N ILE A 204 -3.27 4.81 -18.83
CA ILE A 204 -3.94 3.84 -19.70
C ILE A 204 -5.18 3.30 -18.99
N GLY A 205 -6.29 3.24 -19.72
CA GLY A 205 -7.47 2.51 -19.30
C GLY A 205 -8.72 3.35 -19.13
N ARG A 206 -8.60 4.66 -18.95
CA ARG A 206 -9.78 5.51 -18.78
C ARG A 206 -10.76 5.32 -19.93
N GLY A 207 -11.96 4.83 -19.61
CA GLY A 207 -13.00 4.66 -20.62
C GLY A 207 -12.77 3.54 -21.60
N LEU A 208 -11.98 2.53 -21.24
CA LEU A 208 -11.63 1.42 -22.12
C LEU A 208 -11.98 0.10 -21.47
N ARG A 209 -12.41 -0.85 -22.29
CA ARG A 209 -12.72 -2.20 -21.85
C ARG A 209 -11.77 -3.16 -22.57
N PHE A 210 -10.73 -3.62 -21.86
CA PHE A 210 -9.83 -4.62 -22.41
C PHE A 210 -10.39 -6.00 -22.12
N GLN A 211 -10.45 -6.84 -23.14
CA GLN A 211 -11.13 -8.13 -23.01
C GLN A 211 -10.36 -9.20 -23.76
N GLY A 212 -10.23 -10.38 -23.14
CA GLY A 212 -9.71 -11.55 -23.79
C GLY A 212 -10.78 -12.62 -23.87
N ASP A 213 -10.51 -13.66 -24.66
CA ASP A 213 -11.44 -14.77 -24.80
C ASP A 213 -11.25 -15.85 -23.73
N GLY A 214 -10.19 -15.77 -22.94
CA GLY A 214 -9.95 -16.73 -21.89
C GLY A 214 -9.38 -18.06 -22.34
N VAL A 215 -9.32 -18.31 -23.65
CA VAL A 215 -8.74 -19.53 -24.19
C VAL A 215 -7.45 -19.23 -24.95
N SER A 216 -6.89 -18.04 -24.76
CA SER A 216 -5.63 -17.66 -25.39
C SER A 216 -4.97 -16.61 -24.53
N GLN A 217 -3.76 -16.20 -24.90
CA GLN A 217 -2.97 -15.27 -24.12
C GLN A 217 -3.35 -13.84 -24.46
N SER A 218 -3.61 -13.03 -23.43
CA SER A 218 -3.93 -11.61 -23.58
C SER A 218 -3.24 -10.83 -22.47
N VAL A 219 -2.28 -9.99 -22.86
CA VAL A 219 -1.55 -9.12 -21.94
C VAL A 219 -1.67 -7.71 -22.47
N VAL A 220 -2.00 -6.76 -21.58
CA VAL A 220 -2.26 -5.38 -22.00
C VAL A 220 -0.97 -4.57 -22.00
N VAL A 221 -0.28 -4.54 -20.86
CA VAL A 221 0.93 -3.74 -20.68
C VAL A 221 2.13 -4.65 -20.59
N ASN A 222 3.14 -4.39 -21.43
CA ASN A 222 4.44 -5.06 -21.33
C ASN A 222 5.24 -4.33 -20.27
N GLY A 223 5.31 -4.91 -19.07
CA GLY A 223 6.02 -4.27 -17.97
C GLY A 223 7.53 -4.29 -18.09
N ASP A 224 8.07 -5.05 -19.04
CA ASP A 224 9.51 -5.00 -19.30
C ASP A 224 9.92 -3.64 -19.87
N ARG A 225 9.01 -2.97 -20.57
CA ARG A 225 9.34 -1.78 -21.36
C ARG A 225 8.54 -0.54 -21.01
N LEU A 226 7.51 -0.66 -20.16
CA LEU A 226 6.66 0.46 -19.79
C LEU A 226 6.79 0.71 -18.30
N TYR A 227 7.42 1.83 -17.95
CA TYR A 227 7.59 2.24 -16.56
C TYR A 227 6.74 3.48 -16.29
N ASN A 228 6.56 3.77 -15.00
CA ASN A 228 5.77 4.92 -14.55
C ASN A 228 4.39 4.91 -15.21
N VAL A 229 3.62 3.87 -14.91
CA VAL A 229 2.35 3.60 -15.55
C VAL A 229 1.23 3.77 -14.53
N ASN A 230 0.24 4.58 -14.88
CA ASN A 230 -1.00 4.71 -14.11
C ASN A 230 -2.10 3.98 -14.88
N LYS A 232 -5.78 3.14 -14.58
CA LYS A 232 -6.94 3.54 -13.79
C LYS A 232 -8.18 3.66 -14.68
N GLY A 233 -9.33 3.32 -14.10
CA GLY A 233 -10.61 3.55 -14.74
C GLY A 233 -10.99 2.56 -15.82
N GLY A 234 -10.24 1.48 -15.99
CA GLY A 234 -10.54 0.53 -17.05
C GLY A 234 -11.26 -0.73 -16.60
N ARG A 235 -11.94 -1.38 -17.53
CA ARG A 235 -12.55 -2.69 -17.32
C ARG A 235 -11.66 -3.73 -17.98
N TYR A 236 -11.41 -4.83 -17.27
CA TYR A 236 -10.58 -5.92 -17.77
C TYR A 236 -11.33 -7.22 -17.55
N LEU A 237 -11.59 -7.94 -18.64
CA LEU A 237 -12.41 -9.14 -18.60
C LEU A 237 -11.65 -10.26 -19.30
N ARG A 238 -11.42 -11.35 -18.58
CA ARG A 238 -10.74 -12.55 -19.10
C ARG A 238 -9.40 -12.20 -19.74
N ILE A 239 -8.66 -11.32 -19.06
CA ILE A 239 -7.32 -10.91 -19.48
C ILE A 239 -6.30 -11.75 -18.73
N SER A 240 -5.36 -12.37 -19.46
CA SER A 240 -4.41 -13.27 -18.82
C SER A 240 -3.52 -12.54 -17.84
N ALA A 241 -3.15 -11.30 -18.16
CA ALA A 241 -2.33 -10.48 -17.27
C ALA A 241 -2.48 -9.03 -17.69
N LEU A 242 -2.74 -8.14 -16.73
CA LEU A 242 -2.72 -6.72 -17.03
C LEU A 242 -1.30 -6.27 -17.34
N VAL A 243 -0.34 -6.69 -16.52
CA VAL A 243 1.08 -6.38 -16.72
C VAL A 243 1.87 -7.68 -16.66
N ARG A 244 2.79 -7.85 -17.61
CA ARG A 244 3.68 -9.01 -17.62
C ARG A 244 5.07 -8.50 -17.95
N ALA A 245 6.08 -9.13 -17.34
CA ALA A 245 7.47 -8.81 -17.61
C ALA A 245 8.31 -10.05 -17.38
N THR A 246 8.95 -10.55 -18.45
CA THR A 246 9.75 -11.77 -18.35
C THR A 246 11.16 -11.61 -18.93
N GLN A 247 11.61 -10.40 -19.22
CA GLN A 247 12.88 -10.21 -19.90
C GLN A 247 13.95 -9.76 -18.92
N PRO A 248 14.97 -10.58 -18.63
CA PRO A 248 16.06 -10.13 -17.77
C PRO A 248 16.80 -8.95 -18.38
N ARG A 249 17.13 -7.97 -17.55
CA ARG A 249 17.85 -6.79 -18.01
C ARG A 249 18.43 -6.07 -16.80
N ARG A 250 19.44 -5.24 -17.08
CA ARG A 250 20.14 -4.43 -16.06
C ARG A 250 20.71 -5.39 -15.02
N ASN A 251 20.46 -5.17 -13.72
CA ASN A 251 21.01 -5.97 -12.65
C ASN A 251 20.14 -7.17 -12.29
N GLU A 252 19.12 -7.47 -13.10
CA GLU A 252 18.15 -8.51 -12.74
C GLU A 252 18.29 -9.72 -13.65
N THR A 253 18.16 -10.90 -13.05
CA THR A 253 18.23 -12.16 -13.78
C THR A 253 16.86 -12.65 -14.24
N THR A 254 15.81 -11.94 -13.88
CA THR A 254 14.46 -12.18 -14.37
C THR A 254 13.87 -10.86 -14.85
N GLY A 255 12.70 -10.94 -15.48
CA GLY A 255 11.95 -9.73 -15.76
C GLY A 255 11.49 -9.06 -14.49
N TYR A 256 11.12 -7.79 -14.62
CA TYR A 256 10.61 -7.05 -13.46
C TYR A 256 9.72 -5.91 -13.94
N VAL A 257 8.87 -5.45 -13.02
CA VAL A 257 8.02 -4.29 -13.23
C VAL A 257 8.58 -3.16 -12.39
N GLN A 258 8.39 -1.92 -12.85
CA GLN A 258 8.93 -0.77 -12.15
C GLN A 258 7.94 0.38 -12.20
N SER A 259 7.51 0.84 -11.03
CA SER A 259 6.61 1.99 -10.88
C SER A 259 5.34 1.80 -11.71
N VAL A 260 4.55 0.83 -11.28
CA VAL A 260 3.25 0.53 -11.88
C VAL A 260 2.18 0.70 -10.81
N THR A 261 1.19 1.54 -11.10
CA THR A 261 0.07 1.80 -10.19
C THR A 261 -1.20 1.34 -10.86
N ILE A 262 -1.87 0.35 -10.28
CA ILE A 262 -3.10 -0.23 -10.80
C ILE A 262 -4.20 0.10 -9.79
N GLU A 263 -5.06 1.06 -10.12
CA GLU A 263 -5.97 1.65 -9.16
C GLU A 263 -7.31 1.97 -9.82
N GLU A 264 -8.40 1.69 -9.10
CA GLU A 264 -9.76 2.08 -9.50
C GLU A 264 -10.16 1.48 -10.85
N ASN A 265 -9.94 0.17 -10.98
CA ASN A 265 -10.33 -0.58 -12.17
C ASN A 265 -11.42 -1.59 -11.82
N HIS A 266 -11.97 -2.21 -12.86
CA HIS A 266 -12.97 -3.26 -12.73
C HIS A 266 -12.40 -4.52 -13.36
N LEU A 267 -11.85 -5.41 -12.53
CA LEU A 267 -11.22 -6.64 -12.99
C LEU A 267 -12.17 -7.81 -12.79
N ALA A 268 -12.31 -8.64 -13.82
CA ALA A 268 -13.17 -9.81 -13.73
C ALA A 268 -12.58 -10.94 -14.55
N LEU A 269 -12.47 -12.11 -13.94
CA LEU A 269 -12.06 -13.34 -14.63
C LEU A 269 -10.67 -13.22 -15.24
N CYS A 270 -9.82 -12.38 -14.67
CA CYS A 270 -8.45 -12.24 -15.12
C CYS A 270 -7.57 -13.30 -14.46
N ASN A 271 -6.61 -13.83 -15.22
CA ASN A 271 -5.74 -14.88 -14.69
C ASN A 271 -4.72 -14.31 -13.72
N ARG A 272 -4.18 -13.13 -14.02
CA ARG A 272 -3.23 -12.44 -13.15
C ARG A 272 -3.44 -10.95 -13.30
N ILE A 273 -3.17 -10.21 -12.23
CA ILE A 273 -3.06 -8.76 -12.33
C ILE A 273 -1.67 -8.38 -12.81
N ILE A 274 -0.65 -8.85 -12.10
CA ILE A 274 0.75 -8.67 -12.48
C ILE A 274 1.40 -10.04 -12.54
N ASP A 275 2.12 -10.31 -13.63
CA ASP A 275 2.76 -11.61 -13.85
C ASP A 275 4.25 -11.36 -14.10
N SER A 276 5.07 -11.53 -13.06
CA SER A 276 6.51 -11.34 -13.20
C SER A 276 7.21 -12.04 -12.04
N LYS A 277 8.47 -11.69 -11.81
CA LYS A 277 9.25 -12.27 -10.71
C LYS A 277 9.89 -11.22 -9.82
N ARG A 278 9.81 -9.94 -10.17
CA ARG A 278 10.50 -8.89 -9.43
C ARG A 278 9.72 -7.59 -9.65
N GLY A 279 9.76 -6.72 -8.65
CA GLY A 279 9.00 -5.48 -8.72
C GLY A 279 9.68 -4.36 -7.97
N PHE A 280 9.44 -3.13 -8.44
CA PHE A 280 9.89 -1.92 -7.79
C PHE A 280 8.71 -0.95 -7.75
N ASN A 281 8.36 -0.47 -6.56
CA ASN A 281 7.38 0.59 -6.38
C ASN A 281 6.07 0.24 -7.07
N VAL A 282 5.43 -0.78 -6.53
CA VAL A 282 4.23 -1.39 -7.12
C VAL A 282 3.03 -1.00 -6.27
N THR A 283 1.94 -0.60 -6.92
CA THR A 283 0.71 -0.23 -6.23
C THR A 283 -0.46 -0.93 -6.90
N VAL A 284 -1.25 -1.65 -6.11
CA VAL A 284 -2.47 -2.26 -6.61
C VAL A 284 -3.58 -2.04 -5.57
N SER A 285 -4.32 -0.94 -5.72
CA SER A 285 -5.24 -0.48 -4.69
C SER A 285 -6.60 -0.11 -5.27
N ARG A 286 -7.65 -0.38 -4.49
CA ARG A 286 -9.00 0.11 -4.74
C ARG A 286 -9.52 -0.36 -6.11
N ASN A 287 -9.35 -1.64 -6.40
CA ASN A 287 -9.87 -2.25 -7.61
C ASN A 287 -11.00 -3.22 -7.25
N PHE A 288 -12.06 -3.22 -8.05
CA PHE A 288 -13.16 -4.16 -7.91
C PHE A 288 -12.81 -5.43 -8.70
N CYS A 289 -12.32 -6.46 -8.01
CA CYS A 289 -11.90 -7.70 -8.68
C CYS A 289 -12.89 -8.82 -8.36
N GLU A 290 -13.53 -9.34 -9.41
CA GLU A 290 -14.58 -10.34 -9.28
C GLU A 290 -14.17 -11.59 -10.03
N SER A 291 -14.03 -12.70 -9.31
CA SER A 291 -13.75 -14.01 -9.90
C SER A 291 -12.45 -14.00 -10.69
N CYS A 292 -11.43 -13.33 -10.17
CA CYS A 292 -10.10 -13.36 -10.75
C CYS A 292 -9.31 -14.54 -10.21
N TYR A 293 -8.60 -15.23 -11.09
CA TYR A 293 -7.90 -16.45 -10.72
C TYR A 293 -6.52 -16.19 -10.11
N GLY A 294 -6.07 -14.95 -10.09
CA GLY A 294 -4.77 -14.62 -9.51
C GLY A 294 -4.53 -13.12 -9.49
N GLY A 295 -3.81 -12.64 -8.49
CA GLY A 295 -3.53 -11.23 -8.38
C GLY A 295 -2.09 -10.87 -8.69
N VAL A 296 -1.37 -10.33 -7.71
CA VAL A 296 -0.01 -9.84 -7.90
C VAL A 296 0.94 -10.99 -7.67
N TYR A 297 1.52 -11.51 -8.75
CA TYR A 297 2.53 -12.56 -8.68
C TYR A 297 3.89 -11.94 -8.95
N LEU A 298 4.73 -11.85 -7.90
CA LEU A 298 6.11 -11.39 -8.00
C LEU A 298 6.95 -12.27 -7.09
N ASP A 299 7.09 -13.55 -7.46
CA ASP A 299 7.63 -14.58 -6.58
C ASP A 299 9.01 -15.07 -6.99
N GLY A 300 9.87 -14.17 -7.48
CA GLY A 300 11.24 -14.51 -7.75
C GLY A 300 12.05 -14.70 -6.48
N ASP A 301 13.26 -15.21 -6.64
CA ASP A 301 14.13 -15.55 -5.53
C ASP A 301 15.05 -14.41 -5.10
N GLY A 302 14.77 -13.18 -5.54
CA GLY A 302 15.63 -12.06 -5.24
C GLY A 302 15.67 -11.70 -3.77
N SER A 303 16.67 -10.88 -3.41
CA SER A 303 16.80 -10.34 -2.06
C SER A 303 16.86 -8.82 -2.17
N PRO A 304 15.69 -8.15 -2.27
CA PRO A 304 14.37 -8.77 -2.24
C PRO A 304 13.84 -9.10 -3.63
N ALA A 305 12.61 -9.60 -3.68
CA ALA A 305 11.87 -9.69 -4.94
C ALA A 305 11.05 -8.44 -5.21
N VAL A 306 10.51 -7.81 -4.16
CA VAL A 306 9.63 -6.66 -4.28
C VAL A 306 10.19 -5.54 -3.41
N ASN A 307 10.55 -4.43 -4.03
CA ASN A 307 10.97 -3.22 -3.34
C ASN A 307 9.75 -2.30 -3.24
N VAL A 308 9.06 -2.39 -2.10
CA VAL A 308 7.82 -1.65 -1.81
C VAL A 308 6.67 -2.15 -2.67
N ILE A 309 5.63 -2.65 -2.01
CA ILE A 309 4.34 -2.91 -2.64
C ILE A 309 3.25 -2.45 -1.69
N ARG A 310 2.20 -1.84 -2.23
CA ARG A 310 1.04 -1.46 -1.45
C ARG A 310 -0.18 -2.06 -2.15
N CYS A 311 -1.03 -2.73 -1.38
CA CYS A 311 -2.29 -3.27 -1.88
C CYS A 311 -3.37 -2.89 -0.88
N ASP A 312 -4.11 -1.82 -1.18
CA ASP A 312 -5.05 -1.23 -0.23
C ASP A 312 -6.46 -1.18 -0.80
N GLY A 313 -7.44 -1.42 0.06
CA GLY A 313 -8.84 -1.21 -0.27
C GLY A 313 -9.35 -1.93 -1.50
N ASN A 314 -8.72 -3.04 -1.89
CA ASN A 314 -9.19 -3.82 -3.02
C ASN A 314 -10.41 -4.65 -2.63
N LEU A 315 -11.20 -5.01 -3.65
CA LEU A 315 -12.21 -6.05 -3.53
C LEU A 315 -11.67 -7.31 -4.17
N TRP A 316 -11.79 -8.44 -3.47
CA TRP A 316 -11.26 -9.73 -3.93
C TRP A 316 -12.25 -10.82 -3.51
N GLU A 317 -13.20 -11.13 -4.39
CA GLU A 317 -14.29 -12.04 -4.09
C GLU A 317 -14.31 -13.19 -5.10
N SER A 318 -14.62 -14.39 -4.61
CA SER A 318 -14.74 -15.58 -5.45
C SER A 318 -13.51 -15.75 -6.34
N SER A 319 -12.35 -15.45 -5.77
CA SER A 319 -11.12 -15.33 -6.55
C SER A 319 -10.07 -16.33 -6.04
N GLY A 320 -8.86 -16.21 -6.56
CA GLY A 320 -7.77 -17.09 -6.22
C GLY A 320 -6.81 -16.47 -5.24
N VAL A 321 -5.50 -16.73 -5.45
CA VAL A 321 -4.48 -16.16 -4.59
C VAL A 321 -4.31 -14.69 -4.97
N PHE A 322 -4.50 -13.80 -3.98
CA PHE A 322 -4.44 -12.37 -4.26
C PHE A 322 -3.02 -11.90 -4.51
N ALA A 323 -2.03 -12.53 -3.87
CA ALA A 323 -0.65 -12.07 -4.02
C ALA A 323 0.29 -13.19 -3.62
N LYS A 324 1.03 -13.71 -4.59
CA LYS A 324 2.06 -14.70 -4.33
C LYS A 324 3.36 -13.94 -4.59
N LEU A 325 3.95 -13.44 -3.51
CA LEU A 325 5.13 -12.59 -3.59
C LEU A 325 6.36 -13.31 -3.06
N GLY A 326 7.53 -12.86 -3.54
CA GLY A 326 8.81 -13.27 -3.02
C GLY A 326 9.15 -12.49 -1.77
N ALA A 327 10.45 -12.29 -1.55
CA ALA A 327 10.90 -11.42 -0.48
C ALA A 327 10.39 -10.01 -0.72
N VAL A 328 9.76 -9.43 0.30
CA VAL A 328 9.13 -8.11 0.21
C VAL A 328 9.76 -7.21 1.27
N TYR A 329 10.32 -6.08 0.85
CA TYR A 329 10.74 -5.02 1.76
C TYR A 329 9.75 -3.86 1.65
N ALA A 330 9.33 -3.33 2.80
CA ALA A 330 8.41 -2.20 2.86
C ALA A 330 7.10 -2.51 2.12
N GLY A 331 6.40 -3.53 2.59
CA GLY A 331 5.09 -3.89 2.08
C GLY A 331 3.99 -3.41 3.00
N THR A 332 2.87 -3.00 2.41
CA THR A 332 1.70 -2.58 3.15
C THR A 332 0.45 -3.16 2.50
N PHE A 333 -0.48 -3.64 3.33
CA PHE A 333 -1.76 -4.18 2.86
C PHE A 333 -2.84 -3.65 3.81
N ILE A 334 -3.52 -2.58 3.41
CA ILE A 334 -4.42 -1.83 4.29
C ILE A 334 -5.84 -1.91 3.75
N GLY A 335 -6.73 -2.54 4.52
CA GLY A 335 -8.15 -2.41 4.27
C GLY A 335 -8.70 -3.19 3.11
N ASN A 336 -8.05 -4.29 2.71
CA ASN A 336 -8.59 -5.10 1.64
C ASN A 336 -9.85 -5.82 2.09
N TYR A 337 -10.66 -6.21 1.10
CA TYR A 337 -11.92 -6.91 1.31
C TYR A 337 -11.81 -8.26 0.60
N PHE A 338 -11.64 -9.32 1.37
CA PHE A 338 -11.62 -10.68 0.85
C PHE A 338 -12.89 -11.40 1.27
N GLU A 339 -13.51 -12.11 0.33
CA GLU A 339 -14.77 -12.81 0.59
C GLU A 339 -14.87 -14.04 -0.28
N GLY A 340 -14.93 -15.22 0.34
CA GLY A 340 -15.22 -16.47 -0.32
C GLY A 340 -14.36 -16.80 -1.53
N ASN A 341 -13.06 -16.86 -1.34
CA ASN A 341 -12.11 -17.12 -2.42
C ASN A 341 -11.67 -18.58 -2.39
N ASN A 342 -11.94 -19.30 -3.48
CA ASN A 342 -11.61 -20.72 -3.57
C ASN A 342 -11.41 -21.19 -5.01
N THR A 343 -10.50 -20.56 -5.72
CA THR A 343 -10.18 -20.97 -7.09
C THR A 343 -8.74 -20.56 -7.40
N GLY A 344 -8.33 -20.73 -8.65
CA GLY A 344 -6.95 -20.44 -9.01
C GLY A 344 -5.99 -21.36 -8.29
N ASP A 345 -4.90 -20.80 -7.79
CA ASP A 345 -3.91 -21.55 -7.02
C ASP A 345 -4.24 -21.64 -5.54
N LEU A 346 -5.28 -20.95 -5.08
CA LEU A 346 -5.64 -20.99 -3.67
C LEU A 346 -5.88 -22.40 -3.13
N PRO A 347 -6.57 -23.31 -3.82
CA PRO A 347 -6.71 -24.67 -3.26
C PRO A 347 -5.40 -25.40 -3.09
N THR A 348 -4.33 -25.02 -3.80
CA THR A 348 -3.05 -25.69 -3.65
C THR A 348 -2.15 -24.97 -2.65
N LEU A 349 -1.97 -23.65 -2.80
CA LEU A 349 -1.16 -22.89 -1.86
C LEU A 349 -1.84 -22.71 -0.52
N LYS A 350 -3.18 -22.78 -0.48
CA LYS A 350 -3.97 -22.68 0.75
C LYS A 350 -3.66 -21.39 1.50
N CYS A 351 -3.69 -20.27 0.78
CA CYS A 351 -3.47 -18.97 1.37
C CYS A 351 -3.99 -17.91 0.41
N LEU A 352 -4.35 -16.75 0.97
CA LEU A 352 -4.70 -15.59 0.17
C LEU A 352 -3.48 -14.82 -0.28
N ILE A 353 -2.44 -14.77 0.56
CA ILE A 353 -1.22 -14.05 0.26
C ILE A 353 -0.04 -14.93 0.66
N GLU A 354 0.94 -15.03 -0.22
CA GLU A 354 2.20 -15.68 0.08
C GLU A 354 3.30 -14.64 0.08
N LEU A 355 4.12 -14.63 1.11
CA LEU A 355 5.27 -13.76 1.22
C LEU A 355 6.53 -14.62 1.34
N GLY A 356 7.68 -13.97 1.23
CA GLY A 356 8.93 -14.62 1.54
C GLY A 356 9.18 -14.66 3.04
N LYS A 357 9.79 -15.76 3.49
CA LYS A 357 10.28 -16.81 2.63
C LYS A 357 9.27 -17.95 2.50
N THR A 358 9.14 -18.46 1.26
CA THR A 358 8.35 -19.65 0.99
C THR A 358 9.09 -20.45 -0.07
N GLY A 359 9.57 -21.63 0.30
CA GLY A 359 10.37 -22.41 -0.62
C GLY A 359 11.72 -21.76 -0.86
N THR A 360 12.06 -21.55 -2.13
CA THR A 360 13.34 -20.97 -2.50
C THR A 360 13.40 -19.47 -2.23
N THR A 361 12.26 -18.84 -1.98
CA THR A 361 12.17 -17.39 -1.90
C THR A 361 12.91 -16.85 -0.67
N GLY A 362 13.43 -15.61 -0.79
CA GLY A 362 14.13 -14.97 0.32
C GLY A 362 13.20 -14.48 1.42
N TYR A 363 13.79 -14.03 2.52
CA TYR A 363 13.02 -13.56 3.66
C TYR A 363 12.52 -12.13 3.41
N SER A 364 11.31 -11.85 3.90
CA SER A 364 10.75 -10.51 3.83
C SER A 364 11.22 -9.68 5.02
N SER A 365 11.01 -8.37 4.92
CA SER A 365 11.49 -7.46 5.95
C SER A 365 10.70 -6.16 5.92
N GLY A 366 9.82 -5.97 6.90
CA GLY A 366 9.03 -4.77 6.98
C GLY A 366 7.74 -4.86 6.18
N VAL A 367 6.75 -5.58 6.72
CA VAL A 367 5.45 -5.76 6.08
C VAL A 367 4.37 -5.57 7.13
N THR A 368 3.35 -4.77 6.81
CA THR A 368 2.30 -4.44 7.77
C THR A 368 0.93 -4.67 7.16
N PHE A 369 0.09 -5.42 7.88
CA PHE A 369 -1.30 -5.68 7.50
C PHE A 369 -2.22 -4.96 8.47
N ILE A 370 -3.02 -4.03 7.95
CA ILE A 370 -3.91 -3.21 8.78
C ILE A 370 -5.31 -3.29 8.20
N GLY A 371 -6.27 -3.72 9.03
CA GLY A 371 -7.67 -3.55 8.72
C GLY A 371 -8.22 -4.34 7.56
N ASN A 372 -7.63 -5.49 7.25
CA ASN A 372 -8.16 -6.37 6.21
C ASN A 372 -9.26 -7.26 6.78
N GLN A 373 -10.20 -7.63 5.92
CA GLN A 373 -11.18 -8.67 6.25
C GLN A 373 -10.85 -9.91 5.41
N PHE A 374 -10.49 -10.99 6.10
CA PHE A 374 -10.21 -12.26 5.43
C PHE A 374 -11.43 -13.17 5.58
N GLY A 375 -12.46 -12.87 4.79
CA GLY A 375 -13.67 -13.66 4.80
C GLY A 375 -13.52 -14.94 4.01
N ALA A 376 -13.41 -16.07 4.71
CA ALA A 376 -13.05 -17.33 4.06
C ALA A 376 -14.28 -18.06 3.55
N ALA A 377 -14.10 -18.77 2.44
CA ALA A 377 -15.04 -19.81 2.08
C ALA A 377 -15.05 -20.89 3.16
N ALA A 378 -16.15 -21.65 3.21
CA ALA A 378 -16.30 -22.65 4.26
C ALA A 378 -15.17 -23.67 4.27
N ALA A 379 -14.51 -23.87 3.13
CA ALA A 379 -13.47 -24.89 3.01
C ALA A 379 -12.23 -24.60 3.84
N TYR A 380 -12.00 -23.34 4.20
CA TYR A 380 -10.75 -22.96 4.85
C TYR A 380 -10.93 -22.50 6.29
N LYS A 381 -12.16 -22.60 6.82
CA LYS A 381 -12.36 -22.30 8.23
C LYS A 381 -11.73 -23.36 9.13
N ALA A 382 -11.74 -24.63 8.71
CA ALA A 382 -11.24 -25.73 9.53
C ALA A 382 -10.04 -26.45 8.89
N ASP A 383 -9.45 -25.88 7.84
CA ASP A 383 -8.29 -26.45 7.17
C ASP A 383 -7.04 -26.07 7.96
N VAL A 384 -6.47 -27.04 8.68
CA VAL A 384 -5.31 -26.76 9.53
C VAL A 384 -4.10 -26.33 8.71
N ASN A 385 -4.09 -26.60 7.40
CA ASN A 385 -2.98 -26.21 6.56
C ASN A 385 -3.19 -24.87 5.89
N TYR A 386 -4.26 -24.16 6.22
CA TYR A 386 -4.55 -22.86 5.63
C TYR A 386 -4.14 -21.73 6.55
N ALA A 387 -3.59 -20.67 5.97
CA ALA A 387 -3.39 -19.40 6.66
C ALA A 387 -3.59 -18.28 5.65
N ASP A 388 -4.21 -17.18 6.09
CA ASP A 388 -4.48 -16.08 5.17
C ASP A 388 -3.19 -15.56 4.54
N VAL A 389 -2.11 -15.43 5.32
CA VAL A 389 -0.82 -14.93 4.84
C VAL A 389 0.23 -15.97 5.20
N LYS A 390 0.84 -16.60 4.20
CA LYS A 390 1.81 -17.68 4.41
C LYS A 390 3.22 -17.19 4.13
N PHE A 391 4.13 -17.47 5.08
CA PHE A 391 5.53 -17.09 4.96
C PHE A 391 6.31 -17.76 6.09
N THR A 392 7.63 -17.73 5.96
CA THR A 392 8.53 -18.19 7.01
C THR A 392 9.43 -17.02 7.41
N ALA A 393 9.40 -16.68 8.70
CA ALA A 393 10.25 -15.62 9.23
C ALA A 393 11.62 -16.18 9.61
N SER A 394 12.59 -15.28 9.71
CA SER A 394 13.97 -15.65 10.06
C SER A 394 14.15 -15.40 11.56
N LEU A 395 13.89 -16.43 12.36
CA LEU A 395 13.86 -16.28 13.81
C LEU A 395 14.93 -17.11 14.53
N SER A 396 15.96 -17.57 13.80
CA SER A 396 16.99 -18.38 14.46
C SER A 396 17.85 -17.56 15.40
N GLY A 397 17.95 -16.25 15.18
CA GLY A 397 18.65 -15.38 16.09
C GLY A 397 17.68 -14.53 16.91
N THR A 398 18.12 -14.03 18.06
CA THR A 398 17.25 -13.19 18.87
C THR A 398 17.08 -11.80 18.25
N ASN A 399 18.06 -11.35 17.47
CA ASN A 399 18.04 -10.04 16.85
C ASN A 399 17.26 -10.08 15.54
N LEU A 400 16.29 -9.16 15.41
CA LEU A 400 15.41 -9.11 14.23
C LEU A 400 15.60 -7.82 13.42
N ASP A 401 16.79 -7.21 13.51
CA ASP A 401 17.00 -5.90 12.92
C ASP A 401 16.90 -5.96 11.40
N VAL A 402 17.58 -6.92 10.78
CA VAL A 402 17.69 -6.93 9.32
C VAL A 402 16.40 -7.44 8.70
N LEU A 403 15.90 -8.57 9.16
CA LEU A 403 14.74 -9.23 8.56
C LEU A 403 13.56 -9.13 9.51
N ALA A 404 12.90 -7.96 9.48
CA ALA A 404 11.79 -7.68 10.38
C ALA A 404 10.56 -8.48 9.99
N PRO A 405 10.05 -9.36 10.86
CA PRO A 405 8.85 -10.13 10.52
C PRO A 405 7.64 -9.22 10.36
N PRO A 406 6.64 -9.66 9.58
CA PRO A 406 5.45 -8.83 9.38
C PRO A 406 4.61 -8.72 10.64
N THR A 407 3.84 -7.63 10.71
CA THR A 407 2.94 -7.39 11.83
C THR A 407 1.52 -7.25 11.32
N PHE A 408 0.57 -7.48 12.23
CA PHE A 408 -0.86 -7.47 11.90
C PHE A 408 -1.59 -6.61 12.92
N VAL A 409 -2.34 -5.62 12.44
CA VAL A 409 -3.06 -4.69 13.30
C VAL A 409 -4.49 -4.58 12.80
N GLY A 410 -5.46 -4.88 13.67
CA GLY A 410 -6.85 -4.58 13.41
C GLY A 410 -7.49 -5.34 12.26
N ASN A 411 -6.97 -6.50 11.90
CA ASN A 411 -7.55 -7.32 10.84
C ASN A 411 -8.65 -8.22 11.40
N TRP A 412 -9.44 -8.78 10.48
CA TRP A 412 -10.56 -9.65 10.82
C TRP A 412 -10.51 -10.89 9.92
N THR A 413 -10.51 -12.07 10.54
CA THR A 413 -10.55 -13.32 9.81
C THR A 413 -11.54 -14.26 10.47
N ASN A 414 -11.99 -15.26 9.70
CA ASN A 414 -12.73 -16.39 10.22
C ASN A 414 -12.16 -17.69 9.68
N ALA A 415 -10.93 -17.66 9.17
CA ALA A 415 -10.26 -18.84 8.68
C ALA A 415 -9.55 -19.55 9.82
N TYR A 416 -8.96 -20.70 9.52
CA TYR A 416 -8.24 -21.43 10.55
C TYR A 416 -7.11 -20.57 11.13
N ARG A 417 -6.35 -19.89 10.26
CA ARG A 417 -5.26 -19.05 10.71
C ARG A 417 -5.19 -17.81 9.84
N TRP A 419 -2.10 -16.14 9.81
CA TRP A 419 -0.72 -16.20 9.35
C TRP A 419 -0.10 -17.52 9.79
N SER A 420 1.05 -17.85 9.19
CA SER A 420 1.77 -19.05 9.56
C SER A 420 2.14 -19.02 11.03
N GLU A 421 1.84 -20.10 11.74
CA GLU A 421 2.05 -20.13 13.19
C GLU A 421 3.52 -19.85 13.53
N GLY A 422 3.71 -19.04 14.57
CA GLY A 422 5.03 -18.76 15.10
C GLY A 422 5.88 -17.82 14.30
N GLN A 423 5.39 -17.29 13.17
CA GLN A 423 6.19 -16.44 12.29
C GLN A 423 5.94 -14.96 12.48
N VAL A 424 5.05 -14.59 13.41
CA VAL A 424 4.72 -13.20 13.69
C VAL A 424 5.03 -12.93 15.15
N VAL A 425 5.63 -11.77 15.41
CA VAL A 425 6.05 -11.38 16.74
C VAL A 425 5.13 -10.32 17.35
N THR A 426 4.73 -9.31 16.56
CA THR A 426 3.90 -8.22 17.05
C THR A 426 2.57 -8.22 16.33
N GLN A 427 1.48 -8.25 17.09
CA GLN A 427 0.14 -8.22 16.52
C GLN A 427 -0.86 -7.84 17.61
N PHE A 428 -1.80 -6.95 17.29
CA PHE A 428 -2.83 -6.55 18.22
C PHE A 428 -4.06 -6.08 17.45
N GLY A 429 -5.20 -6.10 18.13
CA GLY A 429 -6.44 -5.63 17.54
C GLY A 429 -7.06 -6.55 16.50
N ASN A 430 -6.51 -7.74 16.31
CA ASN A 430 -7.02 -8.65 15.29
C ASN A 430 -8.18 -9.48 15.82
N ALA A 431 -9.06 -9.88 14.90
CA ALA A 431 -10.23 -10.68 15.23
C ALA A 431 -10.11 -12.06 14.60
N PHE A 432 -10.30 -13.10 15.40
CA PHE A 432 -10.20 -14.49 14.96
C PHE A 432 -11.54 -15.19 15.16
N SER A 433 -12.52 -14.80 14.36
CA SER A 433 -13.86 -15.35 14.51
C SER A 433 -13.84 -16.85 14.20
N GLY A 434 -14.46 -17.64 15.08
CA GLY A 434 -14.47 -19.08 14.94
C GLY A 434 -13.16 -19.78 15.27
N GLY A 435 -12.07 -19.04 15.46
CA GLY A 435 -10.81 -19.62 15.86
C GLY A 435 -10.32 -19.01 17.16
N ASN A 436 -9.00 -18.86 17.31
CA ASN A 436 -8.44 -18.26 18.50
C ASN A 436 -7.07 -17.69 18.15
N ALA A 437 -6.65 -16.69 18.94
CA ALA A 437 -5.34 -16.10 18.74
C ALA A 437 -4.22 -17.05 19.15
N ARG A 438 -4.45 -17.87 20.17
CA ARG A 438 -3.39 -18.70 20.72
C ARG A 438 -2.81 -19.66 19.68
N ARG A 439 -3.66 -20.14 18.77
CA ARG A 439 -3.25 -21.08 17.73
C ARG A 439 -2.15 -20.52 16.82
N HIS A 440 -2.03 -19.19 16.75
CA HIS A 440 -1.00 -18.58 15.92
C HIS A 440 0.39 -18.62 16.55
N GLN A 441 0.50 -19.03 17.81
CA GLN A 441 1.77 -19.07 18.55
C GLN A 441 2.45 -17.70 18.54
N ALA A 442 1.67 -16.64 18.72
CA ALA A 442 2.25 -15.31 18.66
C ALA A 442 2.16 -14.62 20.02
N PRO A 443 3.09 -13.72 20.33
CA PRO A 443 2.99 -12.98 21.59
C PRO A 443 1.71 -12.16 21.64
N LYS A 444 1.20 -11.98 22.86
CA LYS A 444 0.05 -11.13 23.12
C LYS A 444 0.53 -9.85 23.79
N LEU A 445 0.19 -8.70 23.19
CA LEU A 445 0.60 -7.42 23.76
C LEU A 445 0.06 -7.27 25.17
N HIS A 446 0.86 -6.64 26.04
CA HIS A 446 0.50 -6.54 27.46
C HIS A 446 -0.78 -5.74 27.67
N THR A 447 -1.09 -4.83 26.75
CA THR A 447 -2.31 -4.03 26.86
C THR A 447 -3.55 -4.92 26.81
N GLU A 448 -3.55 -5.95 25.96
CA GLU A 448 -4.69 -6.85 25.88
C GLU A 448 -4.80 -7.74 27.12
N ALA A 449 -3.75 -7.83 27.93
CA ALA A 449 -3.82 -8.49 29.22
C ALA A 449 -4.18 -7.53 30.34
N ARG A 450 -4.68 -6.33 30.00
CA ARG A 450 -5.09 -5.34 30.98
C ARG A 450 -3.95 -4.91 31.88
N VAL A 451 -2.73 -4.89 31.34
CA VAL A 451 -1.54 -4.41 32.04
C VAL A 451 -1.23 -3.02 31.54
N THR A 452 -1.02 -2.08 32.47
CA THR A 452 -0.72 -0.70 32.12
C THR A 452 0.49 -0.22 32.92
N PHE A 453 1.27 0.67 32.31
CA PHE A 453 2.51 1.17 32.89
C PHE A 453 2.37 2.64 33.25
N ASP A 454 3.00 3.02 34.35
CA ASP A 454 3.00 4.41 34.80
C ASP A 454 4.39 4.75 35.30
N LEU A 455 4.62 6.05 35.51
CA LEU A 455 5.95 6.51 35.87
C LEU A 455 5.86 7.94 36.40
N SER A 456 6.83 8.31 37.24
CA SER A 456 6.89 9.65 37.78
C SER A 456 8.29 9.89 38.33
N ARG A 457 8.68 11.16 38.39
CA ARG A 457 9.90 11.59 39.06
C ARG A 457 9.51 12.57 40.16
N LYS A 458 9.98 12.31 41.38
CA LYS A 458 9.68 13.14 42.53
C LYS A 458 10.93 13.28 43.39
N GLU A 459 11.16 14.50 43.87
CA GLU A 459 12.29 14.79 44.75
C GLU A 459 11.80 14.75 46.20
N PHE A 460 12.54 14.03 47.04
CA PHE A 460 12.25 13.92 48.48
C PHE A 460 13.44 14.50 49.24
N LEU A 461 13.39 15.80 49.51
CA LEU A 461 14.46 16.43 50.29
C LEU A 461 14.56 15.78 51.65
N SER A 462 15.79 15.58 52.13
CA SER A 462 15.99 14.92 53.41
C SER A 462 15.45 15.75 54.56
N SER A 463 15.52 17.08 54.46
CA SER A 463 15.01 17.94 55.53
C SER A 463 13.53 17.73 55.79
N THR A 464 12.79 17.18 54.83
CA THR A 464 11.35 17.00 54.91
C THR A 464 10.92 15.55 55.09
N ASN A 465 11.68 14.60 54.55
CA ASN A 465 11.25 13.21 54.47
C ASN A 465 12.27 12.27 55.10
N LEU A 466 12.94 12.72 56.16
CA LEU A 466 13.89 11.89 56.88
C LEU A 466 13.65 12.06 58.37
N VAL A 467 13.14 11.01 59.01
CA VAL A 467 12.88 11.00 60.44
C VAL A 467 13.44 9.70 61.01
N GLY A 468 14.41 9.81 61.92
CA GLY A 468 14.99 8.67 62.59
C GLY A 468 15.46 7.55 61.68
N GLY A 469 16.21 7.89 60.63
CA GLY A 469 16.70 6.91 59.69
C GLY A 469 15.69 6.38 58.71
N VAL A 470 14.42 6.76 58.83
CA VAL A 470 13.37 6.37 57.90
C VAL A 470 13.20 7.48 56.86
N HIS A 471 13.43 7.14 55.59
CA HIS A 471 13.42 8.09 54.49
C HIS A 471 12.27 7.77 53.55
N THR A 472 11.40 8.74 53.31
CA THR A 472 10.32 8.55 52.33
C THR A 472 10.93 8.48 50.93
N VAL A 473 10.54 7.46 50.17
CA VAL A 473 11.17 7.20 48.88
C VAL A 473 10.21 7.31 47.71
N ALA A 474 8.90 7.36 47.96
CA ALA A 474 7.93 7.33 46.88
C ALA A 474 6.58 7.73 47.44
N GLU A 475 5.69 8.16 46.54
CA GLU A 475 4.35 8.58 46.93
C GLU A 475 3.39 8.20 45.80
N ILE A 476 2.39 7.40 46.14
CA ILE A 476 1.34 7.03 45.19
C ILE A 476 0.03 7.61 45.69
N ASP A 477 -0.92 7.75 44.76
CA ASP A 477 -2.22 8.34 45.08
C ASP A 477 -3.34 7.42 44.61
N THR A 478 -4.43 7.39 45.39
CA THR A 478 -5.59 6.58 45.10
C THR A 478 -6.82 7.44 44.80
N ASN A 479 -6.66 8.76 44.69
CA ASN A 479 -7.81 9.65 44.59
C ASN A 479 -8.61 9.39 43.31
N LEU A 480 -7.94 9.02 42.23
CA LEU A 480 -8.66 8.74 40.99
C LEU A 480 -9.29 7.35 41.00
N ILE A 481 -8.72 6.41 41.76
CA ILE A 481 -9.39 5.12 41.98
C ILE A 481 -10.72 5.34 42.68
N SER A 482 -10.72 6.15 43.74
CA SER A 482 -11.95 6.46 44.46
C SER A 482 -12.95 7.23 43.59
N ASN A 483 -12.48 7.94 42.57
CA ASN A 483 -13.36 8.72 41.72
C ASN A 483 -14.18 7.85 40.76
N LEU A 484 -13.74 6.62 40.49
CA LEU A 484 -14.47 5.74 39.59
C LEU A 484 -15.88 5.46 40.13
N ALA A 485 -16.83 5.33 39.21
CA ALA A 485 -18.22 5.19 39.61
C ALA A 485 -18.50 3.80 40.19
N SER A 486 -18.01 2.75 39.53
CA SER A 486 -18.32 1.38 39.91
C SER A 486 -17.31 0.84 40.91
N GLN A 487 -17.83 0.11 41.90
CA GLN A 487 -16.95 -0.52 42.88
C GLN A 487 -16.04 -1.55 42.23
N SER A 488 -16.56 -2.32 41.27
CA SER A 488 -15.78 -3.40 40.66
C SER A 488 -14.63 -2.90 39.80
N SER A 489 -14.61 -1.62 39.43
CA SER A 489 -13.53 -1.08 38.62
C SER A 489 -12.33 -0.60 39.42
N ARG A 490 -12.45 -0.53 40.75
CA ARG A 490 -11.43 0.17 41.53
C ARG A 490 -10.21 -0.69 41.82
N ALA A 491 -10.41 -1.91 42.30
CA ALA A 491 -9.32 -2.73 42.80
C ALA A 491 -8.32 -3.06 41.70
N CYS A 492 -7.06 -3.21 42.10
CA CYS A 492 -5.98 -3.58 41.19
C CYS A 492 -4.77 -3.99 42.01
N THR A 493 -3.79 -4.56 41.32
CA THR A 493 -2.49 -4.85 41.89
C THR A 493 -1.42 -4.26 40.98
N ALA A 494 -0.20 -4.16 41.49
CA ALA A 494 0.84 -3.43 40.76
C ALA A 494 2.20 -3.76 41.36
N ASP A 495 3.23 -3.59 40.53
CA ASP A 495 4.62 -3.61 40.94
C ASP A 495 5.20 -2.20 40.89
N ASN A 497 9.03 -0.15 40.60
CA ASN A 497 10.48 -0.05 40.44
C ASN A 497 10.85 1.38 40.83
N ILE A 498 11.43 1.54 42.03
CA ILE A 498 11.75 2.86 42.57
C ILE A 498 13.26 3.03 42.45
N PHE A 499 13.70 3.65 41.36
CA PHE A 499 15.10 3.99 41.16
C PHE A 499 15.42 5.25 41.97
N GLN A 501 18.10 8.01 43.35
CA GLN A 501 19.39 8.65 43.17
C GLN A 501 19.58 9.63 44.32
N LYS A 503 21.29 12.60 46.00
CA LYS A 503 21.96 13.76 45.45
C LYS A 503 22.20 14.80 46.53
N THR A 504 23.21 15.64 46.29
CA THR A 504 23.48 16.78 47.14
C THR A 504 22.52 17.92 46.78
N ALA A 505 22.74 19.10 47.34
CA ALA A 505 21.92 20.25 47.00
C ALA A 505 22.09 20.63 45.53
N SER A 506 23.31 20.49 44.99
CA SER A 506 23.60 20.81 43.60
C SER A 506 23.40 19.62 42.66
N ASN A 507 22.71 18.58 43.12
CA ASN A 507 22.35 17.43 42.28
C ASN A 507 23.56 16.64 41.82
N VAL A 508 24.51 16.43 42.74
CA VAL A 508 25.63 15.52 42.53
C VAL A 508 25.23 14.17 43.11
N VAL A 509 25.26 13.13 42.27
CA VAL A 509 24.81 11.81 42.70
C VAL A 509 25.90 11.16 43.55
N LEU A 510 25.59 10.92 44.83
CA LEU A 510 26.49 10.24 45.75
C LEU A 510 26.09 8.80 46.04
N GLY A 511 24.92 8.37 45.60
CA GLY A 511 24.48 7.01 45.82
C GLY A 511 23.34 6.66 44.88
N ALA A 512 23.06 5.37 44.80
CA ALA A 512 22.01 4.89 43.91
C ALA A 512 21.52 3.53 44.40
N ALA A 513 20.22 3.33 44.33
CA ALA A 513 19.60 2.09 44.75
C ALA A 513 18.29 1.91 43.99
N VAL A 514 17.70 0.73 44.14
CA VAL A 514 16.41 0.44 43.53
C VAL A 514 15.64 -0.50 44.45
N ALA A 515 14.36 -0.20 44.65
CA ALA A 515 13.47 -1.02 45.45
C ALA A 515 12.41 -1.66 44.57
N LYS A 516 12.09 -2.92 44.84
CA LYS A 516 11.01 -3.63 44.18
C LYS A 516 9.87 -3.81 45.17
N VAL A 517 8.72 -3.22 44.88
CA VAL A 517 7.56 -3.25 45.77
C VAL A 517 6.38 -3.88 45.05
N SER A 518 5.56 -4.61 45.80
CA SER A 518 4.32 -5.19 45.30
C SER A 518 3.16 -4.60 46.10
N LEU A 519 2.04 -4.31 45.41
CA LEU A 519 0.90 -3.65 46.01
C LEU A 519 -0.39 -4.39 45.70
N VAL A 520 -1.35 -4.25 46.61
CA VAL A 520 -2.74 -4.64 46.36
C VAL A 520 -3.63 -3.49 46.80
N VAL A 521 -4.60 -3.13 45.96
CA VAL A 521 -5.53 -2.03 46.23
C VAL A 521 -6.95 -2.60 46.26
N GLN A 522 -7.68 -2.33 47.35
CA GLN A 522 -9.03 -2.85 47.48
C GLN A 522 -9.82 -2.01 48.47
N GLY A 523 -11.06 -1.70 48.10
CA GLY A 523 -11.99 -0.98 48.95
C GLY A 523 -13.30 -1.76 49.10
N SER A 524 -14.38 -1.01 49.25
CA SER A 524 -15.69 -1.62 49.36
C SER A 524 -16.13 -2.19 48.01
N GLU A 525 -16.57 -3.45 48.01
CA GLU A 525 -16.99 -4.12 46.78
C GLU A 525 -18.14 -5.05 47.11
N GLY A 526 -19.28 -4.85 46.45
CA GLY A 526 -20.48 -5.63 46.73
C GLY A 526 -21.27 -5.14 47.92
N ILE A 527 -21.04 -3.91 48.36
CA ILE A 527 -21.60 -3.40 49.61
C ILE A 527 -22.48 -2.20 49.29
N GLY A 528 -23.73 -2.24 49.76
CA GLY A 528 -24.63 -1.13 49.60
C GLY A 528 -24.56 -0.16 50.76
N THR A 529 -25.31 -0.43 51.82
CA THR A 529 -25.31 0.44 52.99
C THR A 529 -23.96 0.39 53.68
N GLY A 530 -23.37 1.57 53.91
CA GLY A 530 -22.11 1.68 54.63
C GLY A 530 -20.86 1.68 53.76
N ALA A 531 -21.00 1.53 52.45
CA ALA A 531 -19.83 1.48 51.59
C ALA A 531 -19.13 2.83 51.55
N THR A 532 -17.82 2.79 51.34
CA THR A 532 -17.01 3.99 51.25
C THR A 532 -16.26 4.00 49.92
N THR A 533 -15.87 5.20 49.50
CA THR A 533 -15.07 5.35 48.29
C THR A 533 -13.58 5.14 48.55
N ASP A 534 -13.15 5.20 49.80
CA ASP A 534 -11.72 5.01 50.11
C ASP A 534 -11.28 3.62 49.69
N VAL A 535 -10.08 3.52 49.13
CA VAL A 535 -9.46 2.25 48.79
C VAL A 535 -8.11 2.19 49.49
N TYR A 536 -7.75 0.99 49.95
CA TYR A 536 -6.60 0.81 50.81
C TYR A 536 -5.50 0.05 50.09
N VAL A 537 -4.25 0.31 50.49
CA VAL A 537 -3.07 -0.26 49.87
C VAL A 537 -2.27 -1.02 50.92
N ALA A 538 -1.79 -2.20 50.54
CA ALA A 538 -0.79 -2.93 51.30
C ALA A 538 0.43 -3.14 50.41
N ALA A 539 1.60 -2.79 50.92
CA ALA A 539 2.85 -2.87 50.17
C ALA A 539 3.79 -3.88 50.81
N SER A 540 4.69 -4.42 50.00
CA SER A 540 5.69 -5.36 50.48
C SER A 540 6.96 -5.18 49.68
N LEU A 541 8.08 -5.03 50.38
CA LEU A 541 9.40 -4.90 49.74
C LEU A 541 9.83 -6.28 49.26
N THR A 542 9.71 -6.52 47.96
CA THR A 542 10.09 -7.81 47.38
C THR A 542 11.55 -7.88 46.99
N GLY A 543 12.19 -6.74 46.73
CA GLY A 543 13.58 -6.74 46.32
C GLY A 543 14.23 -5.43 46.62
N PHE A 544 15.55 -5.46 46.82
CA PHE A 544 16.31 -4.25 47.09
C PHE A 544 17.76 -4.51 46.74
N THR A 545 18.40 -3.52 46.11
CA THR A 545 19.84 -3.57 45.88
C THR A 545 20.34 -2.14 45.76
N GLN A 546 21.58 -1.93 46.20
CA GLN A 546 22.19 -0.62 46.16
C GLN A 546 23.67 -0.78 45.83
N LEU A 547 24.25 0.26 45.24
CA LEU A 547 25.67 0.27 44.98
C LEU A 547 26.41 0.71 46.25
N GLU A 548 27.45 -0.03 46.61
CA GLU A 548 28.24 0.27 47.81
C GLU A 548 29.61 0.85 47.48
N GLY A 549 29.93 1.01 46.20
CA GLY A 549 31.23 1.55 45.80
C GLY A 549 31.21 1.89 44.33
N GLY A 550 32.35 2.39 43.86
CA GLY A 550 32.48 2.83 42.49
C GLY A 550 32.99 4.26 42.41
N VAL A 551 34.19 4.43 41.86
CA VAL A 551 34.82 5.75 41.78
C VAL A 551 33.99 6.64 40.86
N ILE A 552 33.59 7.80 41.37
CA ILE A 552 32.90 8.82 40.56
C ILE A 552 33.72 10.08 40.38
N ASP A 553 34.82 10.23 41.13
CA ASP A 553 35.68 11.42 41.04
C ASP A 553 37.12 10.95 41.29
N THR A 554 37.82 10.64 40.19
CA THR A 554 39.17 10.12 40.28
C THR A 554 40.20 11.14 40.75
N VAL A 555 39.84 12.43 40.77
CA VAL A 555 40.77 13.45 41.23
C VAL A 555 40.73 13.58 42.75
N ASN A 556 39.52 13.65 43.32
CA ASN A 556 39.34 13.80 44.76
C ASN A 556 39.07 12.47 45.45
N ASN A 557 39.00 11.37 44.70
CA ASN A 557 38.81 10.02 45.25
C ASN A 557 37.49 9.91 46.02
N VAL A 558 36.40 10.09 45.29
CA VAL A 558 35.05 10.01 45.84
C VAL A 558 34.34 8.83 45.18
N SER A 559 33.69 8.00 45.99
CA SER A 559 32.97 6.83 45.49
C SER A 559 31.51 6.91 45.91
N LEU A 560 30.68 6.13 45.21
CA LEU A 560 29.27 6.01 45.58
C LEU A 560 29.15 5.40 46.98
N PHE A 561 28.28 5.97 47.80
CA PHE A 561 28.15 5.62 49.20
C PHE A 561 26.92 4.75 49.43
N LYS A 562 27.08 3.77 50.32
CA LYS A 562 25.97 2.90 50.73
C LYS A 562 25.10 3.66 51.73
N HIS A 563 23.94 4.14 51.28
CA HIS A 563 23.10 4.99 52.12
C HIS A 563 22.18 4.19 53.03
N PHE A 564 21.77 3.01 52.62
CA PHE A 564 20.82 2.20 53.36
C PHE A 564 21.51 1.00 53.99
N THR A 565 21.16 0.70 55.25
CA THR A 565 21.68 -0.45 55.97
C THR A 565 20.49 -1.34 56.34
N SER A 566 20.32 -2.44 55.60
CA SER A 566 19.23 -3.39 55.73
C SER A 566 17.89 -2.70 55.86
N PRO A 567 17.39 -2.07 54.79
CA PRO A 567 16.18 -1.26 54.91
C PRO A 567 14.91 -2.09 55.07
N VAL A 568 13.95 -1.50 55.76
CA VAL A 568 12.62 -2.08 55.95
C VAL A 568 11.61 -1.09 55.40
N LEU A 569 10.63 -1.59 54.66
CA LEU A 569 9.63 -0.75 54.01
C LEU A 569 8.44 -0.50 54.94
N THR A 570 8.06 0.75 55.06
CA THR A 570 6.84 1.14 55.77
C THR A 570 6.05 2.10 54.87
N ILE A 571 4.73 2.04 54.97
CA ILE A 571 3.88 2.96 54.24
C ILE A 571 2.95 3.68 55.21
N GLU A 572 2.53 4.88 54.82
CA GLU A 572 1.64 5.71 55.62
C GLU A 572 0.63 6.38 54.70
N ARG A 573 -0.64 6.33 55.09
CA ARG A 573 -1.71 6.95 54.31
C ARG A 573 -1.87 8.41 54.73
N VAL A 574 -1.76 9.31 53.75
CA VAL A 574 -1.96 10.74 53.97
C VAL A 574 -3.02 11.19 52.98
N GLY A 575 -4.20 11.56 53.49
CA GLY A 575 -5.34 11.84 52.66
C GLY A 575 -5.71 10.63 51.84
N THR A 576 -5.54 10.71 50.52
CA THR A 576 -5.69 9.57 49.64
C THR A 576 -4.35 9.00 49.19
N LYS A 577 -3.25 9.62 49.57
CA LYS A 577 -1.93 9.20 49.11
C LYS A 577 -1.32 8.18 50.07
N TYR A 578 -0.30 7.49 49.58
CA TYR A 578 0.48 6.56 50.39
C TYR A 578 1.95 6.92 50.23
N LEU A 579 2.62 7.17 51.35
CA LEU A 579 4.05 7.46 51.36
C LEU A 579 4.80 6.17 51.63
N LEU A 580 5.63 5.75 50.69
CA LEU A 580 6.48 4.58 50.88
C LEU A 580 7.83 5.03 51.45
N LYS A 581 8.29 4.34 52.48
CA LYS A 581 9.48 4.76 53.21
C LYS A 581 10.39 3.57 53.47
N LEU A 582 11.70 3.85 53.51
CA LEU A 582 12.72 2.85 53.82
C LEU A 582 13.51 3.29 55.04
N SER A 583 13.92 2.33 55.85
CA SER A 583 14.66 2.58 57.08
C SER A 583 16.16 2.36 56.87
N GLY A 584 16.92 2.56 57.93
CA GLY A 584 18.36 2.36 57.88
C GLY A 584 19.11 3.36 57.03
N TYR A 585 18.60 4.57 56.90
CA TYR A 585 19.20 5.56 56.03
C TYR A 585 20.22 6.41 56.78
N VAL A 586 21.43 6.52 56.21
CA VAL A 586 22.46 7.41 56.69
C VAL A 586 23.04 8.14 55.48
N ALA A 587 22.98 9.47 55.50
CA ALA A 587 23.41 10.25 54.36
C ALA A 587 24.93 10.24 54.21
N ALA A 588 25.38 10.27 52.95
CA ALA A 588 26.80 10.45 52.66
C ALA A 588 27.24 11.85 53.04
N SER A 589 28.52 11.99 53.38
CA SER A 589 29.06 13.28 53.79
C SER A 589 30.59 13.17 53.82
N GLY A 590 31.24 14.29 54.15
CA GLY A 590 32.68 14.29 54.33
C GLY A 590 33.48 14.26 53.06
N SER A 591 32.98 14.89 52.00
CA SER A 591 33.65 14.92 50.71
C SER A 591 33.60 16.35 50.19
N LEU A 592 34.19 16.54 49.00
CA LEU A 592 34.19 17.84 48.36
C LEU A 592 32.78 18.35 48.06
N TYR A 593 31.87 17.44 47.71
CA TYR A 593 30.53 17.82 47.27
C TYR A 593 29.55 18.03 48.41
N GLY A 594 29.93 17.74 49.64
CA GLY A 594 29.03 17.92 50.76
C GLY A 594 28.20 16.68 51.03
N ALA A 595 27.09 16.89 51.72
CA ALA A 595 26.23 15.81 52.17
C ALA A 595 25.07 15.60 51.21
N THR A 596 24.49 14.40 51.28
CA THR A 596 23.30 14.08 50.51
C THR A 596 22.12 14.89 51.02
N ALA A 597 21.48 15.66 50.14
CA ALA A 597 20.39 16.55 50.54
C ALA A 597 19.02 16.01 50.16
N LYS A 598 18.94 14.99 49.30
CA LYS A 598 17.64 14.54 48.84
C LYS A 598 17.76 13.15 48.23
N VAL A 599 16.61 12.48 48.16
CA VAL A 599 16.47 11.25 47.40
C VAL A 599 15.60 11.57 46.20
N PHE A 600 16.17 11.45 45.00
CA PHE A 600 15.45 11.66 43.74
C PHE A 600 15.03 10.31 43.20
N SER A 601 13.73 10.06 43.17
CA SER A 601 13.20 8.73 42.86
C SER A 601 12.53 8.75 41.48
N SER A 602 13.01 7.89 40.59
CA SER A 602 12.39 7.64 39.29
C SER A 602 11.56 6.37 39.41
N THR A 603 10.26 6.53 39.66
CA THR A 603 9.38 5.38 39.90
C THR A 603 8.71 4.95 38.60
N THR A 604 8.80 3.66 38.30
CA THR A 604 8.09 3.06 37.17
C THR A 604 7.20 1.94 37.69
N THR A 606 4.23 -1.15 37.15
CA THR A 606 3.61 -2.15 36.29
C THR A 606 2.28 -2.52 36.95
N ILE A 607 1.17 -2.01 36.43
CA ILE A 607 -0.14 -2.18 37.06
C ILE A 607 -0.89 -3.32 36.38
N TYR A 608 -1.36 -4.27 37.18
CA TYR A 608 -2.17 -5.40 36.71
C TYR A 608 -3.63 -5.07 37.02
N SER A 609 -4.38 -4.67 36.00
CA SER A 609 -5.71 -4.12 36.22
C SER A 609 -6.80 -5.17 36.34
N LEU A 610 -6.53 -6.43 35.98
CA LEU A 610 -7.57 -7.45 36.02
C LEU A 610 -8.17 -7.54 37.41
N ASN A 611 -9.48 -7.35 37.50
CA ASN A 611 -10.20 -7.49 38.76
C ASN A 611 -11.56 -8.11 38.44
N SER A 612 -12.52 -7.95 39.35
CA SER A 612 -13.86 -8.50 39.16
C SER A 612 -14.70 -7.67 38.19
N GLY A 613 -14.26 -6.47 37.83
CA GLY A 613 -14.98 -5.61 36.92
C GLY A 613 -14.33 -5.56 35.55
N ALA A 614 -14.76 -4.56 34.79
CA ALA A 614 -14.28 -4.39 33.42
C ALA A 614 -13.09 -3.43 33.32
N SER A 615 -12.34 -3.28 34.40
CA SER A 615 -11.22 -2.35 34.40
C SER A 615 -10.11 -2.89 33.50
N VAL A 616 -9.64 -2.05 32.57
CA VAL A 616 -8.49 -2.39 31.74
C VAL A 616 -7.23 -1.63 32.14
N ALA A 617 -7.36 -0.52 32.87
CA ALA A 617 -6.21 0.23 33.38
C ALA A 617 -6.46 0.63 34.82
N GLY A 618 -5.73 0.01 35.76
CA GLY A 618 -5.79 0.41 37.14
C GLY A 618 -5.36 1.85 37.36
N GLN A 619 -6.14 2.59 38.14
CA GLN A 619 -5.94 4.03 38.28
C GLN A 619 -5.02 4.40 39.44
N ILE A 620 -4.28 3.44 40.00
CA ILE A 620 -3.18 3.79 40.89
C ILE A 620 -2.05 4.38 40.05
N TYR A 621 -1.34 5.38 40.60
CA TYR A 621 -0.31 6.06 39.85
C TYR A 621 0.69 6.68 40.83
N PRO A 622 1.95 6.83 40.41
CA PRO A 622 2.94 7.50 41.27
C PRO A 622 2.91 9.01 41.07
N THR A 623 3.10 9.74 42.16
CA THR A 623 3.05 11.20 42.13
C THR A 623 4.41 11.80 41.87
#